data_5FLH
#
_entry.id   5FLH
#
_cell.length_a   107.692
_cell.length_b   107.692
_cell.length_c   144.067
_cell.angle_alpha   90.00
_cell.angle_beta   90.00
_cell.angle_gamma   120.00
#
_symmetry.space_group_name_H-M   'P 61 2 2'
#
loop_
_entity.id
_entity.type
_entity.pdbx_description
1 polymer 'QUERCETINASE QUED'
2 non-polymer 'NICKEL (II) ION'
3 non-polymer 'NITRATE ION'
4 non-polymer 'DIMETHYL SULFOXIDE'
5 water water
#
_entity_poly.entity_id   1
_entity_poly.type   'polypeptide(L)'
_entity_poly.pdbx_seq_one_letter_code
;MTIEYATRHRARSFIPPEPGKPYFIEKGLGDRAHLFGDLITIYAGGEQTENTFNFFTCEGPKGEVIPAHSHADTYEVFYI
TQGAVRLFVEDLEGEQHEKLLTPGDFGFVPKNCVHAYRMERHHSQVVGVAAGPGGTFERFFESLGTPAEELGLPVRPFVP
EPEKFRTVPEQYDVRFRPDHQWHTGSIEGRKL
;
_entity_poly.pdbx_strand_id   A,B
#
loop_
_chem_comp.id
_chem_comp.type
_chem_comp.name
_chem_comp.formula
DMS non-polymer 'DIMETHYL SULFOXIDE' 'C2 H6 O S'
NI non-polymer 'NICKEL (II) ION' 'Ni 2'
NO3 non-polymer 'NITRATE ION' 'N O3 -1'
#
# COMPACT_ATOMS: atom_id res chain seq x y z
N ILE A 3 -9.99 -19.84 -11.44
CA ILE A 3 -8.96 -19.81 -10.41
C ILE A 3 -7.70 -19.13 -10.95
N GLU A 4 -6.89 -19.88 -11.69
CA GLU A 4 -5.64 -19.35 -12.25
C GLU A 4 -5.87 -18.62 -13.58
N TYR A 5 -4.82 -17.95 -14.08
CA TYR A 5 -4.90 -17.17 -15.32
C TYR A 5 -3.57 -17.14 -16.08
N ALA A 6 -3.64 -17.03 -17.40
CA ALA A 6 -2.46 -16.71 -18.19
C ALA A 6 -2.48 -15.22 -18.50
N THR A 7 -1.38 -14.55 -18.20
CA THR A 7 -1.28 -13.10 -18.41
C THR A 7 -0.12 -12.69 -19.31
N ARG A 8 0.01 -11.39 -19.51
CA ARG A 8 1.12 -10.83 -20.25
C ARG A 8 2.47 -11.08 -19.52
N HIS A 9 2.42 -11.32 -18.21
CA HIS A 9 3.63 -11.46 -17.37
C HIS A 9 3.96 -12.88 -16.88
N ARG A 10 2.95 -13.73 -16.72
CA ARG A 10 3.19 -15.08 -16.21
C ARG A 10 2.37 -16.13 -16.94
N ALA A 11 2.93 -17.34 -17.04
CA ALA A 11 2.19 -18.51 -17.51
C ALA A 11 0.98 -18.76 -16.62
N ARG A 12 1.26 -18.86 -15.32
CA ARG A 12 0.22 -19.06 -14.31
C ARG A 12 0.27 -17.90 -13.32
N SER A 13 -0.84 -17.17 -13.24
CA SER A 13 -0.94 -16.03 -12.35
C SER A 13 -2.29 -16.01 -11.69
N PHE A 14 -2.39 -15.40 -10.52
CA PHE A 14 -3.70 -15.23 -9.90
C PHE A 14 -4.26 -13.87 -10.20
N ILE A 15 -3.48 -13.07 -10.94
CA ILE A 15 -3.98 -11.78 -11.42
C ILE A 15 -4.67 -11.97 -12.77
N PRO A 16 -5.95 -11.63 -12.86
CA PRO A 16 -6.69 -11.70 -14.13
C PRO A 16 -6.05 -10.79 -15.17
N PRO A 17 -5.91 -11.27 -16.41
CA PRO A 17 -5.34 -10.43 -17.47
C PRO A 17 -6.24 -9.28 -17.88
N GLU A 18 -7.56 -9.45 -17.77
CA GLU A 18 -8.47 -8.42 -18.24
C GLU A 18 -8.74 -7.39 -17.16
N PRO A 19 -8.57 -6.10 -17.51
CA PRO A 19 -8.93 -5.00 -16.60
C PRO A 19 -10.38 -5.08 -16.19
N GLY A 20 -10.69 -4.55 -15.01
CA GLY A 20 -12.07 -4.46 -14.58
C GLY A 20 -12.60 -5.69 -13.87
N LYS A 21 -11.74 -6.68 -13.61
CA LYS A 21 -12.20 -7.91 -12.99
C LYS A 21 -11.78 -7.99 -11.52
N PRO A 22 -12.75 -8.21 -10.62
CA PRO A 22 -12.35 -8.35 -9.21
C PRO A 22 -11.66 -9.68 -8.96
N TYR A 23 -10.82 -9.76 -7.94
CA TYR A 23 -10.18 -11.03 -7.64
C TYR A 23 -9.60 -11.08 -6.23
N PHE A 24 -9.26 -12.29 -5.81
CA PHE A 24 -8.63 -12.54 -4.51
C PHE A 24 -7.37 -13.32 -4.75
N ILE A 25 -6.37 -13.07 -3.90
CA ILE A 25 -5.17 -13.88 -3.95
C ILE A 25 -4.77 -14.25 -2.52
N GLU A 26 -4.54 -15.53 -2.24
CA GLU A 26 -4.10 -15.93 -0.90
C GLU A 26 -2.66 -15.50 -0.65
N LYS A 27 -2.33 -15.33 0.62
CA LYS A 27 -0.96 -15.09 1.07
C LYS A 27 0.11 -15.81 0.24
N GLY A 28 1.01 -15.04 -0.33
CA GLY A 28 2.19 -15.55 -1.00
C GLY A 28 2.03 -15.75 -2.50
N LEU A 29 0.81 -15.70 -3.02
CA LEU A 29 0.59 -16.24 -4.37
C LEU A 29 0.43 -15.17 -5.46
N GLY A 30 0.81 -13.95 -5.14
CA GLY A 30 0.97 -12.93 -6.17
C GLY A 30 2.11 -13.32 -7.11
N ASP A 31 2.31 -12.54 -8.17
CA ASP A 31 3.43 -12.79 -9.07
C ASP A 31 4.75 -12.55 -8.34
N ARG A 32 5.66 -13.52 -8.40
CA ARG A 32 6.89 -13.46 -7.61
C ARG A 32 8.12 -13.17 -8.45
N ALA A 33 9.07 -12.48 -7.84
CA ALA A 33 10.30 -12.09 -8.48
C ALA A 33 11.46 -12.19 -7.47
N HIS A 34 12.64 -12.59 -7.95
CA HIS A 34 13.86 -12.53 -7.14
C HIS A 34 14.75 -11.40 -7.61
N LEU A 35 15.29 -10.66 -6.65
CA LEU A 35 16.30 -9.66 -6.92
C LEU A 35 17.27 -9.73 -5.77
N PHE A 36 18.48 -10.21 -6.07
CA PHE A 36 19.46 -10.57 -5.04
C PHE A 36 18.81 -11.51 -4.04
N GLY A 37 18.82 -11.14 -2.76
CA GLY A 37 18.34 -12.05 -1.73
C GLY A 37 16.86 -11.92 -1.46
N ASP A 38 16.21 -10.95 -2.12
CA ASP A 38 14.83 -10.60 -1.79
C ASP A 38 13.78 -11.22 -2.73
N LEU A 39 12.63 -11.51 -2.15
CA LEU A 39 11.47 -11.97 -2.89
C LEU A 39 10.44 -10.86 -2.96
N ILE A 40 10.03 -10.49 -4.17
CA ILE A 40 9.01 -9.47 -4.37
C ILE A 40 7.76 -10.17 -4.89
N THR A 41 6.61 -9.79 -4.35
CA THR A 41 5.38 -10.49 -4.69
C THR A 41 4.38 -9.42 -5.06
N ILE A 42 3.91 -9.43 -6.31
CA ILE A 42 3.00 -8.42 -6.83
C ILE A 42 1.56 -8.90 -6.76
N TYR A 43 0.69 -8.10 -6.15
CA TYR A 43 -0.72 -8.46 -6.01
C TYR A 43 -1.60 -7.69 -7.00
N ALA A 44 -1.17 -6.47 -7.32
CA ALA A 44 -1.85 -5.66 -8.34
C ALA A 44 -0.82 -4.78 -9.04
N GLY A 45 -0.92 -4.66 -10.35
CA GLY A 45 -0.03 -3.81 -11.12
C GLY A 45 -0.78 -2.71 -11.85
N GLY A 46 -0.08 -1.98 -12.71
CA GLY A 46 -0.69 -0.90 -13.46
C GLY A 46 -1.87 -1.35 -14.33
N GLU A 47 -1.80 -2.55 -14.86
CA GLU A 47 -2.87 -3.05 -15.71
C GLU A 47 -4.19 -3.13 -14.93
N GLN A 48 -4.11 -3.30 -13.62
CA GLN A 48 -5.33 -3.38 -12.82
C GLN A 48 -5.95 -2.02 -12.42
N THR A 49 -5.18 -0.95 -12.53
CA THR A 49 -5.59 0.33 -11.95
C THR A 49 -5.53 1.51 -12.94
N GLU A 50 -5.60 1.20 -14.23
CA GLU A 50 -5.41 2.22 -15.28
C GLU A 50 -4.10 2.93 -15.06
N ASN A 51 -3.04 2.14 -14.83
N ASN A 51 -3.06 2.13 -14.79
CA ASN A 51 -1.69 2.65 -14.59
CA ASN A 51 -1.71 2.60 -14.56
C ASN A 51 -1.63 3.73 -13.50
C ASN A 51 -1.64 3.71 -13.51
N THR A 52 -2.45 3.58 -12.47
CA THR A 52 -2.48 4.57 -11.38
C THR A 52 -1.62 4.13 -10.18
N PHE A 53 -1.80 2.90 -9.72
CA PHE A 53 -1.00 2.42 -8.58
C PHE A 53 -0.78 0.92 -8.62
N ASN A 54 0.00 0.40 -7.67
CA ASN A 54 0.26 -1.03 -7.62
C ASN A 54 0.24 -1.47 -6.17
N PHE A 55 0.53 -2.74 -5.94
CA PHE A 55 0.55 -3.24 -4.56
C PHE A 55 1.41 -4.48 -4.49
N PHE A 56 2.48 -4.43 -3.70
CA PHE A 56 3.38 -5.55 -3.67
C PHE A 56 4.03 -5.70 -2.29
N THR A 57 4.66 -6.84 -2.06
CA THR A 57 5.43 -7.05 -0.85
C THR A 57 6.87 -7.35 -1.23
N CYS A 58 7.75 -7.05 -0.29
CA CYS A 58 9.16 -7.36 -0.43
CA CYS A 58 9.18 -7.35 -0.42
C CYS A 58 9.63 -8.04 0.85
N GLU A 59 10.29 -9.18 0.71
CA GLU A 59 10.74 -9.84 1.90
C GLU A 59 12.12 -10.42 1.67
N GLY A 60 12.86 -10.59 2.77
CA GLY A 60 14.23 -11.03 2.64
C GLY A 60 14.91 -11.38 3.93
N PRO A 61 16.15 -11.86 3.82
CA PRO A 61 16.95 -12.41 4.92
C PRO A 61 17.59 -11.29 5.72
N LYS A 62 17.96 -11.57 6.96
N LYS A 62 17.96 -11.56 6.97
CA LYS A 62 18.60 -10.56 7.79
CA LYS A 62 18.61 -10.57 7.81
C LYS A 62 19.84 -9.98 7.11
C LYS A 62 19.86 -9.98 7.14
N GLY A 63 20.03 -8.68 7.23
CA GLY A 63 21.23 -8.05 6.73
C GLY A 63 21.20 -7.68 5.26
N GLU A 64 20.21 -8.20 4.54
CA GLU A 64 20.01 -7.84 3.13
C GLU A 64 19.87 -6.33 3.01
N VAL A 65 20.64 -5.75 2.09
CA VAL A 65 20.62 -4.31 1.84
C VAL A 65 20.22 -3.99 0.41
N ILE A 66 19.28 -3.07 0.26
CA ILE A 66 18.93 -2.51 -1.04
C ILE A 66 19.67 -1.18 -1.11
N PRO A 67 20.73 -1.12 -1.94
CA PRO A 67 21.63 0.04 -2.02
C PRO A 67 20.95 1.31 -2.51
N ALA A 68 21.62 2.45 -2.28
CA ALA A 68 21.08 3.76 -2.58
C ALA A 68 20.58 3.91 -4.02
N HIS A 69 19.38 4.45 -4.14
CA HIS A 69 18.83 4.79 -5.46
C HIS A 69 17.77 5.86 -5.32
N SER A 70 17.27 6.34 -6.46
CA SER A 70 16.20 7.33 -6.47
C SER A 70 15.27 7.10 -7.63
N HIS A 71 14.09 7.72 -7.53
CA HIS A 71 13.06 7.64 -8.55
C HIS A 71 12.67 9.05 -8.91
N ALA A 72 12.75 9.37 -10.20
CA ALA A 72 12.52 10.76 -10.62
C ALA A 72 11.05 11.16 -10.61
N ASP A 73 10.16 10.20 -10.85
CA ASP A 73 8.72 10.49 -10.91
C ASP A 73 7.85 9.59 -10.02
N THR A 74 8.47 8.79 -9.17
CA THR A 74 7.74 7.77 -8.42
C THR A 74 7.84 7.99 -6.91
N TYR A 75 6.71 7.84 -6.22
CA TYR A 75 6.64 7.97 -4.78
C TYR A 75 6.53 6.57 -4.25
N GLU A 76 7.20 6.30 -3.14
CA GLU A 76 7.32 4.94 -2.61
C GLU A 76 6.89 4.86 -1.14
N VAL A 77 6.06 3.87 -0.86
CA VAL A 77 5.60 3.59 0.50
C VAL A 77 6.26 2.33 1.03
N PHE A 78 6.65 2.40 2.30
CA PHE A 78 7.11 1.25 3.09
C PHE A 78 6.18 1.06 4.28
N TYR A 79 5.53 -0.11 4.37
CA TYR A 79 4.68 -0.37 5.52
C TYR A 79 5.10 -1.75 6.02
N ILE A 80 5.72 -1.78 7.19
CA ILE A 80 6.35 -3.03 7.65
C ILE A 80 5.28 -3.98 8.17
N THR A 81 5.34 -5.24 7.74
CA THR A 81 4.42 -6.26 8.24
C THR A 81 5.10 -7.36 9.04
N GLN A 82 6.39 -7.60 8.80
CA GLN A 82 7.13 -8.62 9.56
C GLN A 82 8.55 -8.15 9.83
N GLY A 83 9.11 -8.60 10.95
CA GLY A 83 10.51 -8.33 11.22
C GLY A 83 10.74 -6.86 11.55
N ALA A 84 11.83 -6.32 11.06
CA ALA A 84 12.17 -4.92 11.30
C ALA A 84 13.06 -4.45 10.17
N VAL A 85 12.81 -3.24 9.70
CA VAL A 85 13.46 -2.76 8.51
C VAL A 85 13.96 -1.35 8.80
N ARG A 86 15.25 -1.11 8.52
CA ARG A 86 15.81 0.23 8.70
C ARG A 86 15.83 0.93 7.37
N LEU A 87 15.20 2.11 7.33
CA LEU A 87 14.99 2.84 6.11
C LEU A 87 15.81 4.12 6.19
N PHE A 88 16.62 4.33 5.16
CA PHE A 88 17.50 5.49 5.05
C PHE A 88 16.96 6.38 3.93
N VAL A 89 16.74 7.65 4.22
CA VAL A 89 16.27 8.60 3.21
CA VAL A 89 16.30 8.58 3.18
C VAL A 89 17.06 9.91 3.24
N GLU A 90 17.35 10.46 2.07
CA GLU A 90 17.93 11.82 1.96
C GLU A 90 16.90 12.76 1.35
N ASP A 91 16.61 13.86 2.03
CA ASP A 91 15.59 14.76 1.50
C ASP A 91 16.17 15.65 0.38
N LEU A 92 15.39 16.57 -0.15
CA LEU A 92 15.85 17.30 -1.31
C LEU A 92 16.95 18.32 -0.97
N GLU A 93 17.04 18.68 0.30
N GLU A 93 17.02 18.71 0.30
CA GLU A 93 18.07 19.62 0.73
CA GLU A 93 18.05 19.62 0.78
C GLU A 93 19.29 18.91 1.30
C GLU A 93 19.38 18.91 0.97
N GLY A 94 19.32 17.58 1.12
CA GLY A 94 20.49 16.78 1.44
C GLY A 94 20.55 16.28 2.87
N GLU A 95 19.53 16.60 3.66
CA GLU A 95 19.46 16.13 5.04
CA GLU A 95 19.51 16.11 5.04
C GLU A 95 19.07 14.65 5.06
N GLN A 96 19.83 13.84 5.78
CA GLN A 96 19.59 12.39 5.83
C GLN A 96 18.98 11.98 7.14
N HIS A 97 18.10 10.98 7.07
CA HIS A 97 17.52 10.42 8.26
C HIS A 97 17.40 8.92 8.12
N GLU A 98 17.45 8.22 9.24
CA GLU A 98 17.23 6.78 9.25
CA GLU A 98 17.26 6.77 9.28
C GLU A 98 16.24 6.41 10.36
N LYS A 99 15.46 5.36 10.14
CA LYS A 99 14.56 4.94 11.19
C LYS A 99 14.34 3.44 11.13
N LEU A 100 14.39 2.79 12.29
CA LEU A 100 14.03 1.37 12.35
C LEU A 100 12.52 1.30 12.40
N LEU A 101 11.95 0.72 11.36
CA LEU A 101 10.50 0.53 11.26
C LEU A 101 10.13 -0.89 11.68
N THR A 102 9.22 -1.00 12.65
CA THR A 102 8.75 -2.30 13.11
C THR A 102 7.32 -2.51 12.58
N PRO A 103 6.75 -3.71 12.72
CA PRO A 103 5.44 -3.96 12.07
C PRO A 103 4.34 -2.98 12.51
N GLY A 104 3.69 -2.40 11.48
CA GLY A 104 2.71 -1.35 11.71
C GLY A 104 3.25 0.05 11.44
N ASP A 105 4.57 0.19 11.44
CA ASP A 105 5.22 1.49 11.16
C ASP A 105 5.30 1.76 9.67
N PHE A 106 5.44 3.06 9.34
CA PHE A 106 5.28 3.54 7.98
C PHE A 106 6.41 4.49 7.57
N GLY A 107 6.91 4.32 6.36
CA GLY A 107 7.91 5.23 5.81
C GLY A 107 7.48 5.68 4.42
N PHE A 108 7.80 6.93 4.09
CA PHE A 108 7.45 7.50 2.80
C PHE A 108 8.64 8.18 2.11
N VAL A 109 8.91 7.76 0.88
CA VAL A 109 9.99 8.32 0.07
C VAL A 109 9.43 9.06 -1.17
N PRO A 110 9.37 10.40 -1.12
CA PRO A 110 8.97 11.24 -2.27
C PRO A 110 9.93 11.11 -3.45
N LYS A 111 9.48 11.46 -4.66
CA LYS A 111 10.36 11.36 -5.82
C LYS A 111 11.62 12.20 -5.59
N ASN A 112 12.69 11.79 -6.27
CA ASN A 112 14.00 12.45 -6.24
C ASN A 112 14.71 12.40 -4.89
N CYS A 113 14.22 11.57 -3.97
CA CYS A 113 14.93 11.43 -2.71
C CYS A 113 15.69 10.11 -2.71
N VAL A 114 16.98 10.17 -2.42
CA VAL A 114 17.77 8.96 -2.45
C VAL A 114 17.39 8.15 -1.23
N HIS A 115 17.31 6.83 -1.42
CA HIS A 115 16.88 5.97 -0.33
C HIS A 115 17.53 4.59 -0.43
N ALA A 116 17.67 3.97 0.74
CA ALA A 116 18.11 2.59 0.84
C ALA A 116 17.46 1.96 2.08
N TYR A 117 17.46 0.64 2.16
CA TYR A 117 17.00 0.02 3.41
C TYR A 117 17.72 -1.28 3.67
N ARG A 118 17.61 -1.72 4.92
CA ARG A 118 18.25 -2.96 5.34
C ARG A 118 17.30 -3.76 6.24
N MET A 119 17.10 -5.04 5.90
CA MET A 119 16.28 -5.88 6.77
CA MET A 119 16.31 -5.98 6.72
C MET A 119 17.09 -6.33 7.98
N GLU A 120 16.56 -6.06 9.17
CA GLU A 120 17.33 -6.36 10.38
C GLU A 120 16.79 -7.54 11.20
N ARG A 121 15.83 -8.29 10.64
CA ARG A 121 15.44 -9.61 11.18
C ARG A 121 15.30 -10.59 10.05
N HIS A 122 15.47 -11.90 10.29
CA HIS A 122 15.23 -12.82 9.19
C HIS A 122 13.76 -12.85 8.79
N HIS A 123 13.54 -12.97 7.49
CA HIS A 123 12.20 -12.93 6.90
C HIS A 123 11.41 -11.73 7.39
N SER A 124 12.02 -10.57 7.26
CA SER A 124 11.31 -9.30 7.40
C SER A 124 10.46 -9.09 6.14
N GLN A 125 9.40 -8.28 6.26
CA GLN A 125 8.53 -8.08 5.12
C GLN A 125 8.01 -6.65 5.10
N VAL A 126 8.04 -6.07 3.90
CA VAL A 126 7.51 -4.75 3.65
C VAL A 126 6.31 -4.83 2.68
N VAL A 127 5.24 -4.10 2.98
CA VAL A 127 4.25 -3.74 1.98
C VAL A 127 4.67 -2.46 1.26
N GLY A 128 4.61 -2.52 -0.06
CA GLY A 128 5.03 -1.40 -0.89
C GLY A 128 3.97 -0.97 -1.86
N VAL A 129 3.95 0.34 -2.14
CA VAL A 129 3.26 0.92 -3.28
C VAL A 129 4.29 1.83 -3.90
N ALA A 130 4.43 1.78 -5.22
CA ALA A 130 5.43 2.61 -5.90
C ALA A 130 4.82 3.14 -7.19
N ALA A 131 4.39 4.40 -7.14
CA ALA A 131 3.76 5.00 -8.30
C ALA A 131 3.86 6.52 -8.32
N GLY A 132 3.46 7.09 -9.45
CA GLY A 132 3.42 8.53 -9.54
C GLY A 132 2.80 8.94 -10.86
N PRO A 133 2.93 10.22 -11.20
CA PRO A 133 2.31 10.76 -12.42
C PRO A 133 2.80 10.05 -13.68
N GLY A 134 4.00 9.47 -13.64
CA GLY A 134 4.52 8.73 -14.77
C GLY A 134 4.05 7.30 -14.92
N GLY A 135 3.30 6.79 -13.94
CA GLY A 135 2.83 5.41 -14.05
C GLY A 135 3.35 4.56 -12.89
N THR A 136 3.42 3.25 -13.09
CA THR A 136 3.73 2.35 -11.97
C THR A 136 4.95 1.49 -12.26
N PHE A 137 5.62 1.10 -11.18
CA PHE A 137 7.03 0.72 -11.13
C PHE A 137 7.27 -0.79 -11.03
N GLU A 138 6.21 -1.56 -10.77
CA GLU A 138 6.37 -2.90 -10.19
C GLU A 138 7.07 -3.98 -11.03
N ARG A 139 7.07 -3.85 -12.36
CA ARG A 139 7.65 -4.93 -13.15
C ARG A 139 9.18 -4.75 -13.26
N PHE A 140 9.68 -3.72 -12.59
CA PHE A 140 11.11 -3.50 -12.47
C PHE A 140 11.87 -4.68 -11.86
N PHE A 141 11.29 -5.28 -10.82
CA PHE A 141 12.00 -6.27 -10.03
C PHE A 141 12.30 -7.49 -10.86
N GLU A 142 11.33 -7.94 -11.65
CA GLU A 142 11.56 -9.12 -12.47
C GLU A 142 12.35 -8.75 -13.71
N SER A 143 12.43 -7.46 -14.01
CA SER A 143 13.24 -7.01 -15.14
C SER A 143 14.72 -7.00 -14.78
N LEU A 144 15.08 -6.28 -13.73
CA LEU A 144 16.45 -6.31 -13.24
C LEU A 144 16.77 -7.68 -12.67
N GLY A 145 15.80 -8.29 -12.00
CA GLY A 145 15.99 -9.61 -11.44
C GLY A 145 15.38 -10.66 -12.35
N THR A 146 14.64 -11.58 -11.76
CA THR A 146 14.03 -12.64 -12.51
C THR A 146 12.66 -12.98 -11.92
N PRO A 147 11.67 -13.27 -12.78
CA PRO A 147 10.43 -13.86 -12.27
C PRO A 147 10.74 -15.22 -11.64
N ALA A 148 9.92 -15.64 -10.68
CA ALA A 148 10.13 -16.89 -9.97
C ALA A 148 8.82 -17.64 -9.79
N GLU A 149 8.88 -18.97 -9.84
CA GLU A 149 7.69 -19.80 -9.68
C GLU A 149 7.63 -20.41 -8.30
N GLU A 150 8.80 -20.74 -7.74
CA GLU A 150 8.86 -21.26 -6.38
C GLU A 150 8.42 -20.20 -5.36
N LEU A 151 8.14 -20.64 -4.13
CA LEU A 151 7.76 -19.75 -3.04
C LEU A 151 8.94 -19.56 -2.10
N GLY A 152 8.84 -18.58 -1.22
CA GLY A 152 9.86 -18.31 -0.23
C GLY A 152 11.05 -17.55 -0.79
N LEU A 153 11.95 -17.18 0.10
CA LEU A 153 13.17 -16.43 -0.26
C LEU A 153 14.01 -17.19 -1.27
N PRO A 154 14.71 -16.46 -2.15
CA PRO A 154 15.62 -17.18 -3.05
C PRO A 154 16.70 -17.97 -2.27
N VAL A 155 17.02 -19.15 -2.76
CA VAL A 155 18.01 -19.99 -2.07
C VAL A 155 19.38 -19.34 -2.18
N ARG A 156 19.73 -18.94 -3.39
CA ARG A 156 20.90 -18.11 -3.61
C ARG A 156 20.47 -16.77 -4.22
N PRO A 157 21.20 -15.69 -3.88
CA PRO A 157 20.93 -14.36 -4.43
C PRO A 157 20.90 -14.36 -5.95
N PHE A 158 19.90 -13.75 -6.56
CA PHE A 158 19.90 -13.59 -8.00
C PHE A 158 20.68 -12.34 -8.33
N VAL A 159 21.78 -12.52 -9.06
CA VAL A 159 22.62 -11.40 -9.41
C VAL A 159 22.35 -10.99 -10.85
N PRO A 160 21.85 -9.77 -11.05
CA PRO A 160 21.66 -9.27 -12.42
C PRO A 160 23.01 -9.15 -13.12
N GLU A 161 23.05 -9.22 -14.44
CA GLU A 161 24.29 -8.92 -15.13
C GLU A 161 24.46 -7.41 -15.07
N PRO A 162 25.70 -6.94 -14.91
CA PRO A 162 26.00 -5.51 -14.83
C PRO A 162 25.43 -4.76 -16.01
N GLU A 163 25.32 -5.45 -17.14
CA GLU A 163 24.65 -4.95 -18.34
C GLU A 163 23.31 -4.35 -18.01
N LYS A 164 22.52 -5.12 -17.28
CA LYS A 164 21.16 -4.73 -16.97
C LYS A 164 21.16 -3.48 -16.10
N PHE A 165 22.15 -3.33 -15.24
CA PHE A 165 22.20 -2.19 -14.32
C PHE A 165 22.29 -0.76 -14.90
N ARG A 166 22.39 -0.62 -16.21
CA ARG A 166 22.15 0.70 -16.81
C ARG A 166 21.31 0.61 -18.09
N THR A 167 20.86 -0.60 -18.44
CA THR A 167 19.77 -0.75 -19.41
C THR A 167 18.42 -0.71 -18.66
N VAL A 168 18.16 -1.73 -17.86
CA VAL A 168 16.88 -1.85 -17.15
C VAL A 168 16.46 -0.61 -16.34
N PRO A 169 17.38 -0.02 -15.53
CA PRO A 169 17.08 1.20 -14.78
C PRO A 169 16.24 2.23 -15.50
N GLU A 170 16.57 2.55 -16.75
CA GLU A 170 15.90 3.66 -17.42
C GLU A 170 14.49 3.33 -17.92
N GLN A 171 14.26 2.09 -18.35
CA GLN A 171 12.92 1.67 -18.76
C GLN A 171 11.95 1.79 -17.58
N TYR A 172 12.51 1.70 -16.38
CA TYR A 172 11.75 1.98 -15.18
C TYR A 172 12.29 3.26 -14.59
N ASP A 173 11.69 3.75 -13.53
CA ASP A 173 12.09 5.04 -13.03
C ASP A 173 13.03 4.86 -11.84
N VAL A 174 14.19 4.26 -12.08
CA VAL A 174 15.16 4.08 -11.02
C VAL A 174 16.57 4.46 -11.46
N ARG A 175 17.19 5.38 -10.72
CA ARG A 175 18.61 5.65 -10.93
C ARG A 175 19.42 5.26 -9.69
N PHE A 176 20.33 4.30 -9.87
CA PHE A 176 21.19 3.85 -8.80
C PHE A 176 22.23 4.88 -8.40
N ARG A 177 22.60 4.87 -7.13
CA ARG A 177 23.59 5.82 -6.64
C ARG A 177 24.67 5.05 -5.93
N PRO A 178 25.49 4.32 -6.69
CA PRO A 178 26.51 3.45 -6.08
C PRO A 178 27.50 4.28 -5.24
N ASP A 179 27.73 5.50 -5.68
CA ASP A 179 28.69 6.37 -5.01
C ASP A 179 28.00 7.33 -4.05
N HIS A 180 26.84 6.92 -3.55
CA HIS A 180 26.18 7.67 -2.49
C HIS A 180 26.77 7.28 -1.15
N GLN A 181 26.95 8.27 -0.29
CA GLN A 181 27.48 8.00 1.05
C GLN A 181 26.42 8.33 2.10
N TRP A 182 26.19 7.40 3.02
CA TRP A 182 25.29 7.63 4.12
C TRP A 182 26.07 8.17 5.29
N HIS A 183 25.52 9.21 5.92
CA HIS A 183 26.21 9.84 7.04
C HIS A 183 25.38 9.71 8.30
N THR A 184 24.36 8.86 8.26
CA THR A 184 23.43 8.75 9.38
C THR A 184 23.92 7.83 10.49
N GLY A 185 24.97 7.06 10.23
CA GLY A 185 25.34 5.97 11.12
C GLY A 185 24.45 4.75 10.82
N SER A 186 24.63 3.67 11.57
CA SER A 186 23.93 2.38 11.34
C SER A 186 24.12 1.81 9.94
N ILE A 187 25.13 2.31 9.23
CA ILE A 187 25.48 1.83 7.90
C ILE A 187 26.89 2.36 7.55
N GLU A 188 27.60 1.67 6.66
CA GLU A 188 28.93 2.12 6.26
C GLU A 188 28.82 3.54 5.71
N GLY A 189 29.78 4.37 6.08
CA GLY A 189 29.78 5.79 5.72
C GLY A 189 30.41 6.57 6.85
N ARG A 190 30.70 7.84 6.57
CA ARG A 190 31.30 8.72 7.57
C ARG A 190 30.20 9.46 8.33
N LYS A 191 30.15 9.30 9.65
CA LYS A 191 28.98 9.74 10.39
C LYS A 191 29.03 11.21 10.84
N LEU A 192 27.94 11.93 10.52
CA LEU A 192 27.70 13.35 10.82
C LEU A 192 28.91 14.20 11.20
N ILE B 3 9.02 16.72 13.93
CA ILE B 3 8.35 15.44 14.23
C ILE B 3 6.83 15.58 14.08
N GLU B 4 6.22 16.59 14.71
CA GLU B 4 4.79 16.84 14.51
C GLU B 4 4.59 18.00 13.55
N TYR B 5 3.44 18.03 12.89
CA TYR B 5 3.18 19.05 11.89
C TYR B 5 1.75 19.57 12.02
N ALA B 6 1.49 20.74 11.46
CA ALA B 6 0.11 21.21 11.25
C ALA B 6 -0.16 21.12 9.76
N THR B 7 -1.33 20.61 9.38
CA THR B 7 -1.66 20.49 7.96
C THR B 7 -3.05 21.07 7.72
N ARG B 8 -3.51 21.07 6.48
CA ARG B 8 -4.88 21.54 6.26
C ARG B 8 -5.92 20.65 6.95
N HIS B 9 -5.56 19.40 7.27
CA HIS B 9 -6.50 18.41 7.82
C HIS B 9 -6.50 18.26 9.34
N ARG B 10 -5.36 18.53 9.97
CA ARG B 10 -5.25 18.41 11.41
C ARG B 10 -4.33 19.51 11.97
N ALA B 11 -4.65 19.95 13.17
CA ALA B 11 -3.80 20.82 13.96
C ALA B 11 -2.50 20.09 14.24
N ARG B 12 -2.62 18.77 14.41
CA ARG B 12 -1.51 17.94 14.87
C ARG B 12 -1.47 16.67 14.03
N SER B 13 -0.41 16.52 13.25
CA SER B 13 -0.27 15.38 12.35
C SER B 13 1.18 14.94 12.20
N PHE B 14 1.40 13.67 11.87
CA PHE B 14 2.76 13.25 11.55
C PHE B 14 2.98 13.20 10.08
N ILE B 15 1.99 13.65 9.31
CA ILE B 15 2.17 13.88 7.90
C ILE B 15 2.57 15.38 7.66
N PRO B 16 3.68 15.62 6.94
CA PRO B 16 4.08 17.02 6.69
C PRO B 16 3.15 17.72 5.73
N PRO B 17 2.99 19.04 5.91
CA PRO B 17 2.09 19.84 5.05
C PRO B 17 2.64 19.97 3.63
N GLU B 18 3.95 20.01 3.50
CA GLU B 18 4.58 20.25 2.20
C GLU B 18 4.84 18.99 1.44
N PRO B 19 4.42 18.96 0.17
CA PRO B 19 4.76 17.83 -0.70
C PRO B 19 6.26 17.71 -0.91
N GLY B 20 6.75 16.50 -1.14
CA GLY B 20 8.15 16.29 -1.47
C GLY B 20 9.05 15.98 -0.27
N LYS B 21 8.48 16.00 0.93
CA LYS B 21 9.23 15.80 2.17
C LYS B 21 9.14 14.34 2.64
N PRO B 22 10.29 13.64 2.78
CA PRO B 22 10.19 12.28 3.36
C PRO B 22 9.74 12.30 4.80
N TYR B 23 9.15 11.21 5.30
CA TYR B 23 8.70 11.20 6.68
C TYR B 23 8.49 9.73 7.09
N PHE B 24 8.44 9.54 8.40
CA PHE B 24 8.16 8.26 9.02
C PHE B 24 6.98 8.45 9.95
N ILE B 25 6.16 7.42 10.14
CA ILE B 25 5.09 7.48 11.12
C ILE B 25 5.08 6.16 11.89
N GLU B 26 5.11 6.23 13.22
CA GLU B 26 5.03 5.01 14.02
C GLU B 26 3.64 4.43 13.96
N LYS B 27 3.55 3.10 14.11
CA LYS B 27 2.27 2.41 14.26
C LYS B 27 1.17 3.16 14.98
N GLY B 28 0.08 3.41 14.24
CA GLY B 28 -1.11 3.95 14.87
C GLY B 28 -1.25 5.47 14.70
N LEU B 29 -0.17 6.12 14.27
CA LEU B 29 -0.13 7.57 14.41
C LEU B 29 -0.41 8.35 13.13
N GLY B 30 -0.90 7.68 12.10
CA GLY B 30 -1.47 8.43 10.95
C GLY B 30 -2.68 9.22 11.40
N ASP B 31 -3.19 10.07 10.49
CA ASP B 31 -4.42 10.79 10.75
C ASP B 31 -5.59 9.85 11.02
N ARG B 32 -6.32 10.06 12.10
CA ARG B 32 -7.37 9.10 12.46
C ARG B 32 -8.78 9.61 12.25
N ALA B 33 -9.70 8.69 11.94
CA ALA B 33 -11.11 9.03 11.70
C ALA B 33 -11.92 7.89 12.29
N HIS B 34 -13.13 8.19 12.75
CA HIS B 34 -14.07 7.15 13.11
C HIS B 34 -15.28 7.15 12.16
N LEU B 35 -15.75 5.96 11.82
CA LEU B 35 -16.97 5.81 11.05
C LEU B 35 -17.61 4.52 11.52
N PHE B 36 -18.80 4.65 12.10
CA PHE B 36 -19.41 3.57 12.88
C PHE B 36 -18.40 2.97 13.87
N GLY B 37 -18.21 1.64 13.89
CA GLY B 37 -17.28 1.06 14.85
C GLY B 37 -15.83 1.08 14.39
N ASP B 38 -15.59 1.54 13.17
CA ASP B 38 -14.24 1.45 12.59
C ASP B 38 -13.33 2.63 12.85
N LEU B 39 -12.06 2.32 13.09
CA LEU B 39 -11.00 3.31 13.13
C LEU B 39 -10.27 3.31 11.82
N ILE B 40 -10.17 4.47 11.16
CA ILE B 40 -9.42 4.56 9.94
C ILE B 40 -8.18 5.42 10.17
N THR B 41 -7.04 4.98 9.66
CA THR B 41 -5.78 5.67 9.94
C THR B 41 -5.04 5.94 8.64
N ILE B 42 -4.83 7.22 8.34
CA ILE B 42 -4.27 7.58 7.05
C ILE B 42 -2.77 7.87 7.15
N TYR B 43 -1.95 7.17 6.38
CA TYR B 43 -0.49 7.38 6.49
C TYR B 43 0.05 8.24 5.35
N ALA B 44 -0.54 8.11 4.16
CA ALA B 44 -0.25 9.02 3.02
C ALA B 44 -1.55 9.43 2.36
N GLY B 45 -1.68 10.71 2.02
CA GLY B 45 -2.81 11.18 1.22
C GLY B 45 -2.46 11.64 -0.19
N GLY B 46 -3.44 12.24 -0.86
CA GLY B 46 -3.19 12.65 -2.23
C GLY B 46 -2.14 13.77 -2.28
N GLU B 47 -2.12 14.61 -1.24
CA GLU B 47 -1.12 15.69 -1.12
C GLU B 47 0.33 15.15 -1.17
N GLN B 48 0.54 13.91 -0.74
CA GLN B 48 1.88 13.34 -0.70
C GLN B 48 2.31 12.76 -2.03
N THR B 49 1.38 12.52 -2.95
CA THR B 49 1.66 11.72 -4.13
C THR B 49 1.20 12.40 -5.44
N GLU B 50 1.05 13.71 -5.42
CA GLU B 50 0.44 14.43 -6.54
C GLU B 50 -0.90 13.77 -6.92
N ASN B 51 -1.70 13.44 -5.91
CA ASN B 51 -3.03 12.84 -6.11
CA ASN B 51 -3.04 12.86 -6.10
C ASN B 51 -3.02 11.57 -6.93
N THR B 52 -1.99 10.73 -6.74
CA THR B 52 -1.98 9.50 -7.50
CA THR B 52 -1.88 9.51 -7.48
C THR B 52 -2.39 8.31 -6.64
N PHE B 53 -1.95 8.24 -5.38
CA PHE B 53 -2.43 7.16 -4.50
C PHE B 53 -2.42 7.56 -3.04
N ASN B 54 -2.94 6.67 -2.18
CA ASN B 54 -2.95 6.96 -0.78
C ASN B 54 -2.57 5.66 -0.04
N PHE B 55 -2.61 5.68 1.28
CA PHE B 55 -2.28 4.49 2.08
C PHE B 55 -2.91 4.64 3.44
N PHE B 56 -3.79 3.70 3.80
CA PHE B 56 -4.54 3.83 5.03
C PHE B 56 -4.85 2.43 5.59
N THR B 57 -5.18 2.39 6.88
CA THR B 57 -5.66 1.12 7.49
C THR B 57 -7.06 1.38 8.00
N CYS B 58 -7.81 0.30 8.05
CA CYS B 58 -9.14 0.26 8.64
CA CYS B 58 -9.12 0.27 8.65
C CYS B 58 -9.15 -0.88 9.64
N GLU B 59 -9.61 -0.62 10.85
CA GLU B 59 -9.70 -1.67 11.86
C GLU B 59 -11.01 -1.55 12.62
N GLY B 60 -11.53 -2.66 13.13
CA GLY B 60 -12.84 -2.61 13.76
C GLY B 60 -13.11 -3.85 14.59
N PRO B 61 -14.27 -3.86 15.28
CA PRO B 61 -14.65 -5.00 16.14
C PRO B 61 -15.26 -6.14 15.34
N LYS B 62 -15.37 -7.30 15.99
CA LYS B 62 -16.02 -8.44 15.37
C LYS B 62 -17.44 -8.08 14.92
N GLY B 63 -17.78 -8.46 13.70
CA GLY B 63 -19.10 -8.22 13.15
C GLY B 63 -19.30 -6.88 12.47
N GLU B 64 -18.28 -6.03 12.47
CA GLU B 64 -18.41 -4.72 11.82
C GLU B 64 -18.62 -4.92 10.32
N VAL B 65 -19.57 -4.23 9.73
CA VAL B 65 -19.89 -4.36 8.30
C VAL B 65 -19.65 -3.03 7.58
N ILE B 66 -19.02 -3.11 6.41
CA ILE B 66 -18.96 -2.00 5.46
C ILE B 66 -19.96 -2.43 4.38
N PRO B 67 -21.07 -1.70 4.25
CA PRO B 67 -22.16 -2.24 3.43
C PRO B 67 -21.95 -2.00 1.95
N ALA B 68 -22.79 -2.64 1.13
CA ALA B 68 -22.61 -2.65 -0.32
C ALA B 68 -22.51 -1.23 -0.86
N HIS B 69 -21.50 -0.98 -1.68
CA HIS B 69 -21.28 0.33 -2.29
C HIS B 69 -20.41 0.13 -3.50
N SER B 70 -20.30 1.16 -4.34
CA SER B 70 -19.41 1.09 -5.50
C SER B 70 -18.71 2.43 -5.68
N HIS B 71 -17.69 2.43 -6.50
CA HIS B 71 -16.91 3.61 -6.82
C HIS B 71 -16.84 3.70 -8.31
N ALA B 72 -17.19 4.85 -8.87
CA ALA B 72 -17.22 5.01 -10.32
C ALA B 72 -15.85 5.21 -10.96
N ASP B 73 -14.91 5.81 -10.22
CA ASP B 73 -13.58 6.10 -10.78
C ASP B 73 -12.44 5.69 -9.86
N THR B 74 -12.69 4.78 -8.92
CA THR B 74 -11.67 4.44 -7.93
C THR B 74 -11.48 2.92 -7.91
N TYR B 75 -10.23 2.44 -7.81
CA TYR B 75 -9.89 1.02 -7.69
C TYR B 75 -9.45 0.83 -6.25
N GLU B 76 -9.76 -0.31 -5.64
CA GLU B 76 -9.56 -0.43 -4.22
C GLU B 76 -8.92 -1.78 -3.84
N VAL B 77 -7.89 -1.68 -2.99
CA VAL B 77 -7.13 -2.82 -2.48
C VAL B 77 -7.53 -3.12 -1.05
N PHE B 78 -7.63 -4.43 -0.72
CA PHE B 78 -7.86 -4.87 0.65
C PHE B 78 -6.70 -5.82 0.96
N TYR B 79 -5.83 -5.46 1.90
CA TYR B 79 -4.75 -6.40 2.26
C TYR B 79 -4.83 -6.62 3.75
N ILE B 80 -5.11 -7.87 4.16
CA ILE B 80 -5.45 -8.08 5.56
C ILE B 80 -4.18 -8.18 6.41
N THR B 81 -4.14 -7.46 7.54
CA THR B 81 -2.96 -7.56 8.40
C THR B 81 -3.24 -8.17 9.77
N GLN B 82 -4.51 -8.12 10.20
CA GLN B 82 -4.94 -8.67 11.49
C GLN B 82 -6.34 -9.26 11.38
N GLY B 83 -6.59 -10.33 12.14
CA GLY B 83 -7.92 -10.91 12.25
C GLY B 83 -8.33 -11.62 11.00
N ALA B 84 -9.58 -11.46 10.56
CA ALA B 84 -10.07 -12.13 9.36
C ALA B 84 -11.26 -11.32 8.85
N VAL B 85 -11.28 -11.09 7.55
CA VAL B 85 -12.24 -10.17 6.93
C VAL B 85 -12.88 -10.85 5.73
N ARG B 86 -14.22 -10.92 5.71
CA ARG B 86 -14.91 -11.55 4.59
C ARG B 86 -15.28 -10.48 3.58
N LEU B 87 -14.71 -10.57 2.39
CA LEU B 87 -14.93 -9.58 1.32
C LEU B 87 -15.92 -10.16 0.30
N PHE B 88 -16.95 -9.36 0.00
CA PHE B 88 -18.00 -9.69 -0.98
C PHE B 88 -17.82 -8.79 -2.19
N VAL B 89 -17.80 -9.36 -3.39
CA VAL B 89 -17.65 -8.56 -4.60
CA VAL B 89 -17.62 -8.57 -4.61
C VAL B 89 -18.56 -9.04 -5.72
N GLU B 90 -19.09 -8.10 -6.49
CA GLU B 90 -19.87 -8.44 -7.68
C GLU B 90 -19.12 -7.87 -8.89
N ASP B 91 -18.89 -8.69 -9.93
CA ASP B 91 -18.15 -8.16 -11.06
C ASP B 91 -19.09 -7.35 -11.96
N LEU B 92 -18.55 -6.85 -13.06
CA LEU B 92 -19.33 -5.96 -13.96
C LEU B 92 -20.52 -6.68 -14.60
N GLU B 93 -20.42 -7.99 -14.71
CA GLU B 93 -21.43 -8.77 -15.39
C GLU B 93 -22.50 -9.27 -14.45
N GLY B 94 -22.30 -9.09 -13.15
CA GLY B 94 -23.27 -9.52 -12.17
C GLY B 94 -22.91 -10.79 -11.38
N GLU B 95 -21.76 -11.39 -11.66
CA GLU B 95 -21.36 -12.61 -10.93
C GLU B 95 -20.77 -12.23 -9.55
N GLN B 96 -21.21 -12.90 -8.49
CA GLN B 96 -20.76 -12.56 -7.13
C GLN B 96 -19.81 -13.59 -6.56
N HIS B 97 -18.89 -13.13 -5.73
CA HIS B 97 -17.99 -14.02 -5.01
C HIS B 97 -17.74 -13.46 -3.61
N GLU B 98 -17.40 -14.34 -2.68
CA GLU B 98 -17.03 -13.93 -1.34
C GLU B 98 -15.79 -14.73 -0.97
N LYS B 99 -14.97 -14.14 -0.10
CA LYS B 99 -13.79 -14.86 0.40
C LYS B 99 -13.42 -14.39 1.78
N LEU B 100 -13.11 -15.33 2.67
CA LEU B 100 -12.59 -14.97 3.97
C LEU B 100 -11.09 -14.76 3.79
N LEU B 101 -10.67 -13.51 3.96
CA LEU B 101 -9.26 -13.11 3.81
C LEU B 101 -8.59 -13.07 5.18
N THR B 102 -7.49 -13.81 5.32
CA THR B 102 -6.76 -13.82 6.56
C THR B 102 -5.43 -13.08 6.37
N PRO B 103 -4.66 -12.84 7.46
CA PRO B 103 -3.54 -11.92 7.28
C PRO B 103 -2.54 -12.37 6.22
N GLY B 104 -2.23 -11.43 5.35
CA GLY B 104 -1.39 -11.65 4.18
C GLY B 104 -2.18 -11.96 2.92
N ASP B 105 -3.49 -12.20 3.03
CA ASP B 105 -4.34 -12.38 1.84
C ASP B 105 -4.76 -11.04 1.24
N PHE B 106 -5.21 -11.08 -0.01
CA PHE B 106 -5.39 -9.86 -0.80
C PHE B 106 -6.69 -9.90 -1.59
N GLY B 107 -7.40 -8.77 -1.66
CA GLY B 107 -8.60 -8.69 -2.49
C GLY B 107 -8.51 -7.41 -3.29
N PHE B 108 -9.08 -7.41 -4.49
CA PHE B 108 -9.01 -6.27 -5.37
C PHE B 108 -10.40 -5.98 -5.93
N VAL B 109 -10.84 -4.73 -5.82
CA VAL B 109 -12.17 -4.35 -6.30
C VAL B 109 -12.05 -3.20 -7.34
N PRO B 110 -12.23 -3.53 -8.63
CA PRO B 110 -12.11 -2.53 -9.70
C PRO B 110 -13.28 -1.56 -9.67
N LYS B 111 -13.14 -0.40 -10.32
CA LYS B 111 -14.23 0.57 -10.36
C LYS B 111 -15.53 -0.05 -10.88
N ASN B 112 -16.64 0.48 -10.36
CA ASN B 112 -18.01 0.06 -10.66
C ASN B 112 -18.39 -1.33 -10.18
N CYS B 113 -17.50 -2.01 -9.46
CA CYS B 113 -17.86 -3.30 -8.88
C CYS B 113 -18.43 -3.11 -7.48
N VAL B 114 -19.62 -3.64 -7.22
CA VAL B 114 -20.23 -3.48 -5.93
C VAL B 114 -19.46 -4.36 -4.93
N HIS B 115 -19.21 -3.84 -3.73
CA HIS B 115 -18.46 -4.64 -2.77
C HIS B 115 -18.90 -4.30 -1.36
N ALA B 116 -18.60 -5.20 -0.42
CA ALA B 116 -18.93 -5.03 0.98
C ALA B 116 -17.96 -5.92 1.76
N TYR B 117 -17.82 -5.67 3.04
CA TYR B 117 -17.07 -6.66 3.84
C TYR B 117 -17.46 -6.66 5.29
N ARG B 118 -17.09 -7.76 5.97
CA ARG B 118 -17.47 -7.97 7.34
C ARG B 118 -16.21 -8.38 8.06
N MET B 119 -15.90 -7.72 9.16
CA MET B 119 -14.78 -8.18 9.97
C MET B 119 -15.28 -9.34 10.85
N GLU B 120 -14.52 -10.43 10.91
CA GLU B 120 -15.03 -11.63 11.57
C GLU B 120 -14.19 -12.01 12.78
N ARG B 121 -13.24 -11.13 13.13
CA ARG B 121 -12.50 -11.22 14.39
C ARG B 121 -12.44 -9.87 15.06
N HIS B 122 -12.34 -9.86 16.38
CA HIS B 122 -12.14 -8.63 17.12
C HIS B 122 -10.82 -7.99 16.74
N HIS B 123 -10.90 -6.69 16.49
CA HIS B 123 -9.77 -5.91 16.02
CA HIS B 123 -9.77 -5.92 16.02
C HIS B 123 -9.09 -6.48 14.78
N SER B 124 -9.88 -6.69 13.73
CA SER B 124 -9.32 -7.06 12.46
C SER B 124 -8.77 -5.76 11.84
N GLN B 125 -7.85 -5.90 10.93
CA GLN B 125 -7.27 -4.72 10.29
C GLN B 125 -6.99 -4.99 8.83
N VAL B 126 -7.36 -4.00 8.01
CA VAL B 126 -7.19 -4.01 6.57
C VAL B 126 -6.25 -2.86 6.16
N VAL B 127 -5.26 -3.16 5.34
CA VAL B 127 -4.50 -2.11 4.64
C VAL B 127 -5.23 -1.83 3.36
N GLY B 128 -5.52 -0.55 3.10
CA GLY B 128 -6.22 -0.15 1.90
C GLY B 128 -5.40 0.84 1.09
N VAL B 129 -5.52 0.72 -0.23
CA VAL B 129 -5.11 1.79 -1.16
C VAL B 129 -6.29 1.97 -2.08
N ALA B 130 -6.67 3.20 -2.35
CA ALA B 130 -7.84 3.42 -3.19
C ALA B 130 -7.61 4.67 -4.03
N ALA B 131 -7.59 4.49 -5.34
CA ALA B 131 -7.29 5.61 -6.21
C ALA B 131 -7.68 5.28 -7.62
N GLY B 132 -7.64 6.29 -8.47
CA GLY B 132 -7.91 6.03 -9.87
C GLY B 132 -7.66 7.31 -10.62
N PRO B 133 -8.10 7.35 -11.87
CA PRO B 133 -8.00 8.57 -12.68
C PRO B 133 -8.59 9.77 -11.94
N GLY B 134 -9.63 9.54 -11.15
CA GLY B 134 -10.26 10.63 -10.44
C GLY B 134 -9.43 11.24 -9.32
N GLY B 135 -8.29 10.64 -9.01
CA GLY B 135 -7.48 11.06 -7.86
C GLY B 135 -7.74 10.13 -6.67
N THR B 136 -7.60 10.68 -5.48
CA THR B 136 -7.78 9.91 -4.26
C THR B 136 -8.83 10.54 -3.37
N PHE B 137 -9.40 9.72 -2.49
CA PHE B 137 -10.56 10.14 -1.71
C PHE B 137 -10.48 9.70 -0.23
N GLU B 138 -9.28 9.50 0.31
CA GLU B 138 -9.16 9.04 1.70
C GLU B 138 -9.84 9.93 2.74
N ARG B 139 -10.16 11.18 2.42
CA ARG B 139 -10.78 12.01 3.45
C ARG B 139 -12.30 11.78 3.52
N PHE B 140 -12.79 10.87 2.70
CA PHE B 140 -14.16 10.38 2.83
C PHE B 140 -14.53 9.98 4.25
N PHE B 141 -13.69 9.18 4.90
CA PHE B 141 -14.07 8.64 6.19
C PHE B 141 -14.32 9.69 7.27
N GLU B 142 -13.47 10.71 7.37
CA GLU B 142 -13.63 11.72 8.42
C GLU B 142 -14.75 12.73 8.05
N SER B 143 -15.08 12.78 6.77
CA SER B 143 -16.11 13.71 6.26
C SER B 143 -17.49 13.13 6.49
N LEU B 144 -17.66 11.84 6.21
CA LEU B 144 -18.92 11.17 6.54
C LEU B 144 -18.99 10.92 8.04
N GLY B 145 -17.94 10.32 8.60
CA GLY B 145 -17.88 10.13 10.02
C GLY B 145 -17.26 11.36 10.67
N THR B 146 -16.13 11.18 11.33
CA THR B 146 -15.53 12.26 12.12
C THR B 146 -14.02 12.05 12.25
N PRO B 147 -13.25 13.13 12.24
CA PRO B 147 -11.84 12.93 12.64
C PRO B 147 -11.77 12.62 14.13
N ALA B 148 -10.66 12.01 14.54
CA ALA B 148 -10.44 11.59 15.92
C ALA B 148 -9.00 11.87 16.34
N GLU B 149 -8.82 12.26 17.60
CA GLU B 149 -7.48 12.38 18.18
C GLU B 149 -7.12 11.15 19.00
N GLU B 150 -8.13 10.52 19.59
CA GLU B 150 -7.90 9.36 20.45
C GLU B 150 -7.30 8.23 19.63
N LEU B 151 -6.59 7.35 20.31
CA LEU B 151 -6.09 6.11 19.73
C LEU B 151 -7.06 4.98 20.00
N GLY B 152 -7.03 3.95 19.17
CA GLY B 152 -7.86 2.77 19.41
C GLY B 152 -9.26 2.86 18.86
N LEU B 153 -10.00 1.76 18.92
CA LEU B 153 -11.33 1.73 18.33
C LEU B 153 -12.26 2.70 19.03
N PRO B 154 -13.18 3.29 18.29
CA PRO B 154 -14.20 4.12 18.95
C PRO B 154 -14.95 3.28 19.97
N VAL B 155 -15.12 3.78 21.19
CA VAL B 155 -15.87 3.04 22.20
C VAL B 155 -17.33 2.92 21.79
N ARG B 156 -17.87 4.02 21.29
CA ARG B 156 -19.20 4.00 20.74
C ARG B 156 -19.08 4.28 19.26
N PRO B 157 -19.87 3.58 18.46
CA PRO B 157 -19.88 3.77 17.00
C PRO B 157 -20.30 5.18 16.63
N PHE B 158 -19.58 5.78 15.70
CA PHE B 158 -19.97 7.09 15.23
C PHE B 158 -20.96 6.96 14.09
N VAL B 159 -22.21 7.34 14.36
CA VAL B 159 -23.25 7.21 13.37
C VAL B 159 -23.53 8.56 12.73
N PRO B 160 -23.24 8.67 11.42
CA PRO B 160 -23.42 9.92 10.68
C PRO B 160 -24.89 10.34 10.63
N GLU B 161 -25.13 11.62 10.78
CA GLU B 161 -26.46 12.20 10.57
C GLU B 161 -26.95 11.94 9.17
N PRO B 162 -28.28 11.74 8.99
CA PRO B 162 -28.77 11.48 7.63
C PRO B 162 -28.34 12.54 6.61
N GLU B 163 -28.20 13.80 7.00
CA GLU B 163 -27.81 14.82 6.05
C GLU B 163 -26.41 14.52 5.47
N LYS B 164 -25.54 13.97 6.30
CA LYS B 164 -24.20 13.60 5.83
C LYS B 164 -24.28 12.50 4.78
N PHE B 165 -25.13 11.50 5.03
CA PHE B 165 -25.30 10.44 4.07
C PHE B 165 -25.87 10.98 2.80
N ARG B 166 -26.68 12.03 2.91
CA ARG B 166 -27.26 12.61 1.71
C ARG B 166 -26.23 13.32 0.82
N THR B 167 -25.25 13.99 1.42
CA THR B 167 -24.35 14.83 0.64
C THR B 167 -22.91 14.34 0.51
N VAL B 168 -22.38 13.66 1.52
CA VAL B 168 -20.94 13.41 1.52
C VAL B 168 -20.51 12.32 0.54
N PRO B 169 -21.22 11.15 0.53
CA PRO B 169 -20.66 10.06 -0.27
C PRO B 169 -20.39 10.40 -1.74
N GLU B 170 -21.31 11.10 -2.42
CA GLU B 170 -21.07 11.42 -3.83
C GLU B 170 -19.80 12.28 -4.01
N GLN B 171 -19.49 13.09 -3.01
CA GLN B 171 -18.32 13.96 -3.07
C GLN B 171 -17.01 13.18 -3.08
N TYR B 172 -17.06 11.92 -2.67
CA TYR B 172 -15.84 11.13 -2.51
C TYR B 172 -15.93 9.85 -3.29
N ASP B 173 -16.72 9.88 -4.37
CA ASP B 173 -16.91 8.76 -5.27
C ASP B 173 -17.33 7.48 -4.52
N VAL B 174 -18.30 7.64 -3.64
CA VAL B 174 -18.92 6.49 -2.97
C VAL B 174 -20.43 6.50 -3.28
N ARG B 175 -20.93 5.41 -3.86
CA ARG B 175 -22.39 5.25 -4.04
C ARG B 175 -22.86 4.05 -3.24
N PHE B 176 -23.61 4.26 -2.17
CA PHE B 176 -24.12 3.09 -1.45
C PHE B 176 -25.21 2.42 -2.27
N ARG B 177 -25.31 1.11 -2.12
CA ARG B 177 -26.29 0.30 -2.87
C ARG B 177 -27.14 -0.49 -1.86
N PRO B 178 -28.08 0.20 -1.20
CA PRO B 178 -28.87 -0.39 -0.11
C PRO B 178 -29.79 -1.51 -0.57
N ASP B 179 -30.14 -1.55 -1.86
CA ASP B 179 -31.00 -2.66 -2.27
C ASP B 179 -30.24 -3.85 -2.76
N HIS B 180 -28.92 -3.77 -2.70
CA HIS B 180 -28.13 -4.87 -3.19
C HIS B 180 -28.34 -6.12 -2.34
N GLN B 181 -28.36 -7.27 -2.98
CA GLN B 181 -28.49 -8.53 -2.26
CA GLN B 181 -28.47 -8.53 -2.24
C GLN B 181 -27.32 -9.45 -2.56
N TRP B 182 -26.72 -10.04 -1.53
CA TRP B 182 -25.66 -11.01 -1.76
C TRP B 182 -26.19 -12.44 -1.82
N HIS B 183 -25.69 -13.22 -2.79
CA HIS B 183 -25.95 -14.67 -2.86
C HIS B 183 -24.73 -15.52 -2.96
N THR B 184 -23.83 -15.36 -2.02
CA THR B 184 -22.56 -16.03 -2.11
C THR B 184 -22.52 -17.14 -1.07
N GLY B 185 -23.51 -17.12 -0.18
CA GLY B 185 -23.66 -18.14 0.85
C GLY B 185 -22.47 -18.27 1.76
NI NI C . 13.04 2.76 -4.36
N NO3 D . 7.85 3.48 -14.33
O1 NO3 D . 8.14 2.36 -15.12
O2 NO3 D . 7.51 4.69 -14.93
O3 NO3 D . 7.90 3.40 -12.93
N NO3 E . 0.24 -4.14 10.92
O1 NO3 E . -0.74 -3.50 10.15
O2 NO3 E . 1.35 -4.68 10.25
O3 NO3 E . 0.07 -4.22 12.30
NI NI F . -15.09 0.70 -1.31
N NO3 G . -17.48 2.77 4.67
O1 NO3 G . -18.70 3.25 4.17
O2 NO3 G . -16.38 2.61 3.81
O3 NO3 G . -17.38 2.47 6.02
S DMS H . -12.47 5.71 -0.27
O DMS H . -13.95 5.81 -0.34
C1 DMS H . -11.84 5.74 -1.96
C2 DMS H . -12.08 3.99 0.15
#